data_5ZF8
#
_entry.id   5ZF8
#
_cell.length_a   90.526
_cell.length_b   90.526
_cell.length_c   122.544
_cell.angle_alpha   90.00
_cell.angle_beta   90.00
_cell.angle_gamma   120.00
#
_symmetry.space_group_name_H-M   'P 32 2 1'
#
loop_
_entity.id
_entity.type
_entity.pdbx_description
1 polymer 'Dihydroorotate dehydrogenase (quinone), mitochondrial'
2 non-polymer 'FLAVIN MONONUCLEOTIDE'
3 non-polymer 'OROTIC ACID'
4 non-polymer 'ACETATE ION'
5 non-polymer 'SULFATE ION'
6 non-polymer '(2S,3E,7E)-9-(3-chloro-5-formyl-2,6-dihydroxy-4-methylphenyl)-3,7-dimethylnona-3,7-dien-2-yl acetate'
7 water water
#
_entity_poly.entity_id   1
_entity_poly.type   'polypeptide(L)'
_entity_poly.pdbx_seq_one_letter_code
;MGHHHHHHHHHHSSGHIDDDDKHMATGDERFYAEHLMPTLQGLLDPESAHRLAVRFTSLGLLPRARFQDSDMLEVRVLGH
KFRNPVGIAAGFDKHGEAVDGLYKMGFGFVEIGSVTPKPQEGNPRPRVFRLPEDQAVINRYGFNSHGLSVVEHRLRARQQ
KQAKLTEDGLPLGVNLGKNKTSVDAAEDYAEGVRVLGPLADYLVVNVSSPNTAGLRSLQGKAELRRLLTKVLQERDGLRR
VHRPAVLVKIAPDLTSQDKEDIASVVKELGIDGLIVTNTTVSRPAGLQGALRSETGGLSGKPLRDLSTQTIREMYALTQG
RVPIIGVGGVSSGQDALEKIRAGASLVQLYTALTFWGPPVVGKVKRELEALLKEQGFGGVTDAIGADHRR
;
_entity_poly.pdbx_strand_id   A
#
loop_
_chem_comp.id
_chem_comp.type
_chem_comp.name
_chem_comp.formula
9BO non-polymer '(2S,3E,7E)-9-(3-chloro-5-formyl-2,6-dihydroxy-4-methylphenyl)-3,7-dimethylnona-3,7-dien-2-yl acetate' 'C21 H27 Cl O5'
ACT non-polymer 'ACETATE ION' 'C2 H3 O2 -1'
FMN non-polymer 'FLAVIN MONONUCLEOTIDE' 'C17 H21 N4 O9 P'
ORO non-polymer 'OROTIC ACID' 'C5 H4 N2 O4'
SO4 non-polymer 'SULFATE ION' 'O4 S -2'
#
# COMPACT_ATOMS: atom_id res chain seq x y z
N ALA A 25 -19.86 8.75 15.64
CA ALA A 25 -20.52 9.52 14.54
C ALA A 25 -19.54 10.50 13.88
N THR A 26 -19.00 11.42 14.69
CA THR A 26 -18.04 12.47 14.28
C THR A 26 -18.55 13.47 13.23
N GLY A 27 -18.52 14.74 13.63
CA GLY A 27 -18.94 15.87 12.80
C GLY A 27 -18.10 16.05 11.55
N ASP A 28 -16.77 16.03 11.70
CA ASP A 28 -15.90 16.22 10.54
C ASP A 28 -15.86 15.06 9.53
N GLU A 29 -16.08 13.81 9.99
CA GLU A 29 -16.23 12.67 9.07
C GLU A 29 -17.34 12.96 8.06
N ARG A 30 -18.51 13.32 8.59
CA ARG A 30 -19.68 13.66 7.78
C ARG A 30 -19.41 14.88 6.88
N PHE A 31 -18.76 15.90 7.44
CA PHE A 31 -18.47 17.13 6.69
C PHE A 31 -17.54 16.89 5.51
N TYR A 32 -16.46 16.14 5.74
CA TYR A 32 -15.52 15.82 4.68
C TYR A 32 -16.16 14.93 3.62
N ALA A 33 -16.86 13.88 4.06
CA ALA A 33 -17.41 12.88 3.14
C ALA A 33 -18.60 13.39 2.32
N GLU A 34 -19.50 14.12 2.97
CA GLU A 34 -20.75 14.57 2.31
C GLU A 34 -20.63 15.92 1.59
N HIS A 35 -19.68 16.75 2.03
CA HIS A 35 -19.60 18.14 1.57
C HIS A 35 -18.25 18.56 0.98
N LEU A 36 -17.22 18.60 1.81
CA LEU A 36 -15.92 19.17 1.39
C LEU A 36 -15.25 18.41 0.24
N MET A 37 -15.05 17.10 0.41
CA MET A 37 -14.40 16.32 -0.64
C MET A 37 -15.19 16.31 -1.96
N PRO A 38 -16.50 15.99 -1.92
CA PRO A 38 -17.18 16.00 -3.23
C PRO A 38 -17.22 17.38 -3.92
N THR A 39 -17.31 18.45 -3.13
CA THR A 39 -17.26 19.81 -3.66
C THR A 39 -15.91 20.09 -4.32
N LEU A 40 -14.81 19.78 -3.61
CA LEU A 40 -13.47 19.97 -4.17
C LEU A 40 -13.18 19.09 -5.40
N GLN A 41 -13.68 17.86 -5.39
CA GLN A 41 -13.54 16.97 -6.55
C GLN A 41 -14.30 17.50 -7.78
N GLY A 42 -15.41 18.19 -7.53
CA GLY A 42 -16.16 18.86 -8.60
C GLY A 42 -15.42 20.05 -9.20
N LEU A 43 -14.45 20.60 -8.45
CA LEU A 43 -13.69 21.78 -8.87
C LEU A 43 -12.32 21.47 -9.49
N LEU A 44 -11.78 20.30 -9.15
CA LEU A 44 -10.41 19.97 -9.50
C LEU A 44 -10.35 18.68 -10.28
N ASP A 45 -9.55 18.69 -11.35
N ASP A 45 -9.56 18.68 -11.35
CA ASP A 45 -9.21 17.50 -12.12
CA ASP A 45 -9.29 17.45 -12.12
C ASP A 45 -8.50 16.49 -11.20
C ASP A 45 -8.48 16.49 -11.24
N PRO A 46 -8.62 15.17 -11.48
CA PRO A 46 -8.03 14.16 -10.58
C PRO A 46 -6.55 14.36 -10.23
N GLU A 47 -5.70 14.57 -11.22
CA GLU A 47 -4.27 14.73 -10.89
C GLU A 47 -3.96 16.04 -10.16
N SER A 48 -4.67 17.12 -10.50
CA SER A 48 -4.58 18.37 -9.73
C SER A 48 -5.00 18.16 -8.28
N ALA A 49 -6.05 17.37 -8.08
CA ALA A 49 -6.52 17.05 -6.74
C ALA A 49 -5.47 16.24 -5.96
N HIS A 50 -4.87 15.24 -6.62
CA HIS A 50 -3.80 14.43 -6.03
C HIS A 50 -2.63 15.32 -5.58
N ARG A 51 -2.20 16.19 -6.49
CA ARG A 51 -1.09 17.09 -6.21
C ARG A 51 -1.39 18.00 -5.03
N LEU A 52 -2.61 18.55 -4.97
CA LEU A 52 -3.01 19.42 -3.86
C LEU A 52 -3.08 18.66 -2.53
N ALA A 53 -3.57 17.42 -2.58
CA ALA A 53 -3.61 16.56 -1.42
C ALA A 53 -2.20 16.31 -0.84
N VAL A 54 -1.24 16.06 -1.73
CA VAL A 54 0.13 15.82 -1.29
C VAL A 54 0.68 17.12 -0.66
N ARG A 55 0.41 18.24 -1.32
CA ARG A 55 0.88 19.54 -0.81
C ARG A 55 0.29 19.86 0.57
N PHE A 56 -1.03 19.76 0.71
CA PHE A 56 -1.68 20.01 1.99
C PHE A 56 -1.20 19.09 3.09
N THR A 57 -0.98 17.82 2.73
CA THR A 57 -0.55 16.85 3.72
C THR A 57 0.88 17.17 4.17
N SER A 58 1.75 17.49 3.22
CA SER A 58 3.16 17.78 3.49
C SER A 58 3.32 19.01 4.40
N LEU A 59 2.38 19.96 4.28
CA LEU A 59 2.38 21.18 5.10
C LEU A 59 1.65 21.01 6.45
N GLY A 60 1.05 19.85 6.66
CA GLY A 60 0.32 19.55 7.89
C GLY A 60 -1.00 20.28 8.05
N LEU A 61 -1.60 20.69 6.93
CA LEU A 61 -2.89 21.39 6.93
C LEU A 61 -4.00 20.35 6.87
N LEU A 62 -4.27 19.78 8.04
CA LEU A 62 -5.10 18.59 8.18
C LEU A 62 -6.00 18.77 9.39
N PRO A 63 -7.20 18.13 9.37
CA PRO A 63 -8.06 18.14 10.57
C PRO A 63 -7.39 17.47 11.77
N ARG A 64 -7.85 17.83 12.95
CA ARG A 64 -7.35 17.28 14.22
C ARG A 64 -7.69 15.79 14.37
N ALA A 65 -6.67 14.95 14.22
CA ALA A 65 -6.82 13.50 14.39
C ALA A 65 -6.93 13.17 15.88
N ARG A 66 -8.17 13.13 16.35
CA ARG A 66 -8.50 13.01 17.77
C ARG A 66 -8.48 11.59 18.33
N PHE A 67 -8.50 10.59 17.44
CA PHE A 67 -8.48 9.19 17.83
C PHE A 67 -7.14 8.78 18.48
N GLN A 68 -7.21 8.41 19.77
CA GLN A 68 -6.07 7.86 20.50
C GLN A 68 -6.03 6.36 20.23
N ASP A 69 -4.90 5.87 19.71
CA ASP A 69 -4.72 4.44 19.43
C ASP A 69 -4.70 3.64 20.72
N SER A 70 -5.61 2.68 20.82
CA SER A 70 -5.64 1.77 21.96
C SER A 70 -4.64 0.64 21.77
N ASP A 71 -4.27 0.02 22.89
CA ASP A 71 -3.38 -1.14 22.90
C ASP A 71 -3.88 -2.31 22.04
N MET A 72 -5.19 -2.45 21.86
CA MET A 72 -5.71 -3.58 21.08
C MET A 72 -5.47 -3.45 19.57
N LEU A 73 -5.03 -2.27 19.13
CA LEU A 73 -4.69 -2.05 17.72
C LEU A 73 -3.21 -2.28 17.40
N GLU A 74 -2.38 -2.45 18.43
CA GLU A 74 -0.95 -2.67 18.23
C GLU A 74 -0.67 -4.05 17.63
N VAL A 75 0.21 -4.09 16.63
CA VAL A 75 0.62 -5.32 15.96
C VAL A 75 2.14 -5.37 15.90
N ARG A 76 2.71 -6.53 16.26
CA ARG A 76 4.14 -6.78 16.08
C ARG A 76 4.40 -7.76 14.95
N VAL A 77 5.02 -7.25 13.88
CA VAL A 77 5.26 -8.03 12.66
C VAL A 77 6.43 -7.39 11.88
N LEU A 78 7.09 -8.15 10.99
CA LEU A 78 8.17 -7.65 10.12
C LEU A 78 9.35 -7.03 10.90
N GLY A 79 9.55 -7.49 12.13
CA GLY A 79 10.62 -7.00 13.02
C GLY A 79 10.32 -5.65 13.65
N HIS A 80 9.05 -5.24 13.61
CA HIS A 80 8.63 -3.94 14.12
C HIS A 80 7.29 -3.92 14.90
N LYS A 81 7.15 -2.92 15.75
CA LYS A 81 5.88 -2.58 16.39
C LYS A 81 5.13 -1.60 15.49
N PHE A 82 3.84 -1.86 15.27
CA PHE A 82 2.96 -0.94 14.55
C PHE A 82 1.88 -0.50 15.52
N ARG A 83 1.79 0.80 15.79
CA ARG A 83 0.88 1.37 16.78
C ARG A 83 -0.59 1.07 16.43
N ASN A 84 -0.89 1.11 15.13
CA ASN A 84 -2.18 0.63 14.62
C ASN A 84 -1.92 -0.05 13.27
N PRO A 85 -2.88 -0.86 12.78
CA PRO A 85 -2.59 -1.65 11.61
C PRO A 85 -3.03 -1.00 10.28
N VAL A 86 -3.32 0.30 10.30
CA VAL A 86 -3.89 0.98 9.12
C VAL A 86 -2.84 1.88 8.47
N GLY A 87 -2.36 1.47 7.30
CA GLY A 87 -1.34 2.24 6.59
C GLY A 87 -1.85 2.91 5.34
N ILE A 88 -1.07 3.88 4.87
CA ILE A 88 -1.31 4.50 3.57
C ILE A 88 -0.57 3.66 2.51
N ALA A 89 -1.32 3.22 1.51
CA ALA A 89 -0.74 2.43 0.40
C ALA A 89 0.17 3.25 -0.50
N ALA A 90 1.06 2.57 -1.20
CA ALA A 90 1.90 3.19 -2.22
C ALA A 90 1.05 3.92 -3.27
N GLY A 91 1.62 4.99 -3.81
CA GLY A 91 0.98 5.69 -4.90
C GLY A 91 0.40 7.02 -4.54
N PHE A 92 0.20 7.27 -3.24
CA PHE A 92 -0.23 8.56 -2.78
C PHE A 92 0.99 9.49 -2.69
N ASP A 93 1.95 9.08 -1.87
CA ASP A 93 3.20 9.84 -1.71
C ASP A 93 4.30 9.08 -2.48
N LYS A 94 4.31 9.28 -3.79
CA LYS A 94 5.22 8.55 -4.67
C LYS A 94 6.67 8.93 -4.43
N HIS A 95 6.90 10.17 -4.00
CA HIS A 95 8.27 10.69 -3.95
C HIS A 95 8.75 11.04 -2.54
N GLY A 96 8.00 10.60 -1.52
CA GLY A 96 8.42 10.79 -0.12
C GLY A 96 8.37 12.22 0.37
N GLU A 97 7.34 12.94 -0.07
CA GLU A 97 7.16 14.36 0.24
C GLU A 97 6.26 14.67 1.43
N ALA A 98 5.48 13.69 1.88
CA ALA A 98 4.38 13.94 2.81
C ALA A 98 4.34 12.96 3.99
N VAL A 99 5.49 12.32 4.27
CA VAL A 99 5.56 11.23 5.25
C VAL A 99 5.07 11.69 6.62
N ASP A 100 5.63 12.78 7.13
CA ASP A 100 5.24 13.26 8.44
C ASP A 100 3.76 13.69 8.54
N GLY A 101 3.26 14.32 7.49
CA GLY A 101 1.83 14.67 7.41
C GLY A 101 0.94 13.45 7.43
N LEU A 102 1.39 12.36 6.81
CA LEU A 102 0.63 11.11 6.82
C LEU A 102 0.56 10.50 8.21
N TYR A 103 1.65 10.54 8.98
CA TYR A 103 1.56 10.07 10.38
C TYR A 103 0.61 10.96 11.19
N LYS A 104 0.62 12.26 10.91
CA LYS A 104 -0.28 13.21 11.58
C LYS A 104 -1.74 12.86 11.33
N MET A 105 -2.03 12.32 10.13
CA MET A 105 -3.37 11.85 9.77
C MET A 105 -3.84 10.64 10.57
N GLY A 106 -2.90 9.93 11.17
CA GLY A 106 -3.21 8.82 12.07
C GLY A 106 -2.89 7.45 11.50
N PHE A 107 -2.24 7.43 10.34
CA PHE A 107 -1.74 6.15 9.79
C PHE A 107 -0.72 5.52 10.72
N GLY A 108 -0.83 4.20 10.92
CA GLY A 108 0.10 3.42 11.76
C GLY A 108 1.43 3.18 11.08
N PHE A 109 1.45 3.29 9.75
CA PHE A 109 2.67 3.14 8.97
C PHE A 109 2.47 3.81 7.63
N VAL A 110 3.57 4.19 6.99
CA VAL A 110 3.51 4.92 5.73
C VAL A 110 4.34 4.15 4.71
N GLU A 111 3.80 3.98 3.50
CA GLU A 111 4.58 3.42 2.40
C GLU A 111 4.71 4.47 1.31
N ILE A 112 5.94 4.79 0.93
CA ILE A 112 6.14 5.72 -0.19
C ILE A 112 6.49 4.98 -1.45
N GLY A 113 6.40 5.66 -2.59
CA GLY A 113 6.72 5.03 -3.87
C GLY A 113 5.47 4.77 -4.71
N SER A 114 5.60 4.07 -5.83
CA SER A 114 6.86 3.44 -6.26
C SER A 114 7.93 4.44 -6.72
N VAL A 115 9.18 4.10 -6.41
CA VAL A 115 10.34 4.90 -6.83
C VAL A 115 11.12 4.11 -7.88
N THR A 116 11.48 4.77 -8.98
CA THR A 116 12.26 4.14 -10.05
C THR A 116 13.72 4.62 -9.93
N PRO A 117 14.68 3.85 -10.51
CA PRO A 117 16.09 4.26 -10.33
C PRO A 117 16.39 5.64 -10.87
N LYS A 118 16.05 5.88 -12.12
CA LYS A 118 16.22 7.21 -12.74
C LYS A 118 14.90 7.94 -12.70
N PRO A 119 14.92 9.30 -12.64
CA PRO A 119 13.65 10.03 -12.78
C PRO A 119 12.96 9.68 -14.11
N GLN A 120 11.63 9.62 -14.08
CA GLN A 120 10.87 9.48 -15.32
C GLN A 120 9.49 10.11 -15.19
N GLU A 121 8.96 10.51 -16.34
CA GLU A 121 7.76 11.31 -16.39
C GLU A 121 6.46 10.55 -16.15
N GLY A 122 6.47 9.26 -16.47
CA GLY A 122 5.22 8.47 -16.54
C GLY A 122 4.41 8.77 -17.80
N ASN A 123 3.16 8.32 -17.84
CA ASN A 123 2.31 8.49 -19.03
C ASN A 123 1.82 9.91 -19.24
N PRO A 124 1.39 10.27 -20.48
CA PRO A 124 0.77 11.59 -20.70
C PRO A 124 -0.53 11.79 -19.95
N ARG A 125 -0.82 13.04 -19.59
CA ARG A 125 -2.03 13.45 -18.88
C ARG A 125 -3.20 13.67 -19.87
N PRO A 126 -4.44 13.26 -19.54
CA PRO A 126 -4.84 12.71 -18.23
C PRO A 126 -4.56 11.20 -18.08
N ARG A 127 -4.28 10.81 -16.84
CA ARG A 127 -3.84 9.45 -16.53
C ARG A 127 -4.43 8.92 -15.22
N VAL A 128 -5.36 9.68 -14.64
N VAL A 128 -5.39 9.65 -14.66
CA VAL A 128 -6.11 9.25 -13.45
CA VAL A 128 -6.10 9.20 -13.46
C VAL A 128 -7.55 9.66 -13.67
C VAL A 128 -7.53 9.72 -13.49
N PHE A 129 -8.48 8.84 -13.20
CA PHE A 129 -9.90 9.03 -13.51
C PHE A 129 -10.71 8.61 -12.32
N ARG A 130 -11.69 9.43 -11.96
CA ARG A 130 -12.62 9.08 -10.89
C ARG A 130 -13.84 8.34 -11.43
N LEU A 131 -14.32 7.35 -10.68
CA LEU A 131 -15.58 6.66 -10.97
C LEU A 131 -16.46 6.85 -9.73
N PRO A 132 -17.05 8.05 -9.58
CA PRO A 132 -17.73 8.36 -8.31
C PRO A 132 -18.88 7.39 -7.99
N GLU A 133 -19.59 6.95 -9.02
CA GLU A 133 -20.75 6.06 -8.84
C GLU A 133 -20.33 4.67 -8.35
N ASP A 134 -19.04 4.37 -8.47
CA ASP A 134 -18.50 3.07 -8.06
C ASP A 134 -17.60 3.17 -6.84
N GLN A 135 -17.40 4.40 -6.33
N GLN A 135 -17.40 4.39 -6.33
CA GLN A 135 -16.42 4.67 -5.29
CA GLN A 135 -16.40 4.66 -5.30
C GLN A 135 -15.07 4.04 -5.68
C GLN A 135 -15.06 4.03 -5.68
N ALA A 136 -14.68 4.27 -6.94
CA ALA A 136 -13.47 3.69 -7.53
C ALA A 136 -12.64 4.75 -8.25
N VAL A 137 -11.39 4.39 -8.52
CA VAL A 137 -10.47 5.19 -9.35
C VAL A 137 -9.84 4.24 -10.37
N ILE A 138 -9.53 4.77 -11.56
CA ILE A 138 -8.67 4.07 -12.50
C ILE A 138 -7.47 4.98 -12.70
N ASN A 139 -6.28 4.40 -12.57
CA ASN A 139 -5.05 5.15 -12.89
C ASN A 139 -4.14 4.40 -13.85
N ARG A 140 -3.44 5.22 -14.67
CA ARG A 140 -2.35 4.73 -15.50
C ARG A 140 -1.18 5.71 -15.41
N TYR A 141 -0.77 6.02 -14.19
CA TYR A 141 0.34 6.97 -13.97
C TYR A 141 1.61 6.53 -14.72
N GLY A 142 1.91 5.24 -14.69
CA GLY A 142 3.10 4.68 -15.36
C GLY A 142 4.40 4.99 -14.64
N PHE A 143 4.37 4.92 -13.30
CA PHE A 143 5.59 5.10 -12.46
C PHE A 143 6.24 6.47 -12.71
N ASN A 144 5.46 7.53 -12.67
CA ASN A 144 6.03 8.88 -12.58
C ASN A 144 6.85 8.93 -11.29
N SER A 145 8.13 9.28 -11.39
CA SER A 145 9.00 9.18 -10.22
C SER A 145 10.12 10.23 -10.28
N HIS A 146 10.35 10.87 -9.15
CA HIS A 146 11.53 11.74 -9.00
C HIS A 146 12.86 10.98 -9.05
N GLY A 147 12.80 9.65 -8.94
CA GLY A 147 14.01 8.82 -8.98
C GLY A 147 14.68 8.61 -7.64
N LEU A 148 15.55 7.61 -7.58
CA LEU A 148 16.16 7.19 -6.32
C LEU A 148 16.96 8.29 -5.62
N SER A 149 17.75 9.04 -6.37
N SER A 149 17.75 9.04 -6.38
CA SER A 149 18.64 10.05 -5.75
CA SER A 149 18.64 10.06 -5.82
C SER A 149 17.85 11.15 -5.04
C SER A 149 17.86 11.13 -5.06
N VAL A 150 16.83 11.68 -5.71
CA VAL A 150 15.97 12.71 -5.10
C VAL A 150 15.28 12.18 -3.84
N VAL A 151 14.71 10.97 -3.93
CA VAL A 151 14.01 10.41 -2.79
C VAL A 151 14.99 10.09 -1.65
N GLU A 152 16.18 9.59 -1.99
CA GLU A 152 17.22 9.30 -1.00
C GLU A 152 17.53 10.54 -0.18
N HIS A 153 17.72 11.66 -0.85
CA HIS A 153 18.07 12.89 -0.15
C HIS A 153 16.91 13.40 0.70
N ARG A 154 15.70 13.25 0.19
CA ARG A 154 14.50 13.62 0.94
C ARG A 154 14.36 12.80 2.24
N LEU A 155 14.59 11.48 2.13
CA LEU A 155 14.52 10.64 3.31
C LEU A 155 15.69 10.86 4.26
N ARG A 156 16.88 11.13 3.70
CA ARG A 156 18.05 11.40 4.56
C ARG A 156 17.85 12.64 5.42
N ALA A 157 17.11 13.63 4.91
CA ALA A 157 16.86 14.86 5.66
C ALA A 157 16.05 14.67 6.94
N ARG A 158 15.33 13.53 7.04
CA ARG A 158 14.52 13.19 8.21
C ARG A 158 14.80 11.78 8.75
N GLN A 159 16.00 11.25 8.47
CA GLN A 159 16.33 9.86 8.79
C GLN A 159 16.26 9.59 10.29
N GLN A 160 16.79 10.50 11.11
CA GLN A 160 16.76 10.28 12.55
C GLN A 160 15.40 10.50 13.16
N LYS A 161 14.64 11.45 12.61
CA LYS A 161 13.23 11.65 12.97
C LYS A 161 12.47 10.35 12.69
N GLN A 162 12.70 9.75 11.51
CA GLN A 162 12.09 8.44 11.21
C GLN A 162 12.51 7.34 12.17
N ALA A 163 13.80 7.31 12.55
CA ALA A 163 14.25 6.29 13.50
C ALA A 163 13.46 6.35 14.79
N LYS A 164 13.20 7.56 15.27
CA LYS A 164 12.41 7.76 16.49
C LYS A 164 10.95 7.36 16.29
N LEU A 165 10.38 7.73 15.14
CA LEU A 165 9.01 7.33 14.79
C LEU A 165 8.85 5.81 14.74
N THR A 166 9.79 5.14 14.08
CA THR A 166 9.82 3.67 14.01
C THR A 166 9.86 3.05 15.41
N GLU A 167 10.80 3.54 16.23
N GLU A 167 10.79 3.51 16.25
CA GLU A 167 10.93 3.12 17.63
CA GLU A 167 10.88 3.01 17.63
C GLU A 167 9.60 3.26 18.40
C GLU A 167 9.59 3.27 18.43
N ASP A 168 8.86 4.31 18.05
CA ASP A 168 7.57 4.66 18.65
C ASP A 168 6.37 3.94 18.02
N GLY A 169 6.63 3.00 17.12
CA GLY A 169 5.57 2.18 16.54
C GLY A 169 5.01 2.71 15.24
N LEU A 170 5.80 3.53 14.54
CA LEU A 170 5.34 4.15 13.29
C LEU A 170 6.34 3.92 12.14
N PRO A 171 6.35 2.68 11.58
CA PRO A 171 7.35 2.32 10.57
C PRO A 171 7.13 2.91 9.18
N LEU A 172 8.20 2.88 8.40
CA LEU A 172 8.22 3.42 7.04
C LEU A 172 8.54 2.32 6.04
N GLY A 173 7.70 2.19 5.01
CA GLY A 173 7.96 1.29 3.90
C GLY A 173 8.34 2.07 2.64
N VAL A 174 9.18 1.47 1.82
CA VAL A 174 9.57 2.06 0.53
C VAL A 174 9.30 1.06 -0.56
N ASN A 175 8.53 1.51 -1.55
CA ASN A 175 8.09 0.65 -2.63
C ASN A 175 8.94 0.96 -3.88
N LEU A 176 9.54 -0.09 -4.43
CA LEU A 176 10.50 0.04 -5.53
C LEU A 176 9.91 -0.38 -6.86
N GLY A 177 10.10 0.46 -7.87
CA GLY A 177 9.70 0.14 -9.24
C GLY A 177 10.88 0.04 -10.19
N LYS A 178 10.58 -0.07 -11.47
CA LYS A 178 11.64 -0.14 -12.47
C LYS A 178 11.37 0.88 -13.56
N ASN A 179 12.43 1.38 -14.19
CA ASN A 179 12.26 2.34 -15.26
C ASN A 179 11.68 1.69 -16.53
N LYS A 180 10.95 2.50 -17.29
CA LYS A 180 10.32 2.08 -18.55
C LYS A 180 11.34 1.52 -19.55
N THR A 181 12.49 2.17 -19.67
CA THR A 181 13.48 1.82 -20.70
C THR A 181 14.64 0.95 -20.21
N SER A 182 14.58 0.45 -18.98
CA SER A 182 15.66 -0.38 -18.46
C SER A 182 15.70 -1.75 -19.12
N VAL A 183 16.91 -2.24 -19.36
CA VAL A 183 17.15 -3.49 -20.06
C VAL A 183 17.45 -4.65 -19.11
N ASP A 184 17.32 -4.38 -17.80
CA ASP A 184 17.65 -5.34 -16.75
C ASP A 184 16.80 -5.00 -15.51
N ALA A 185 15.60 -5.58 -15.46
CA ALA A 185 14.65 -5.33 -14.33
C ALA A 185 15.26 -5.62 -12.96
N ALA A 186 15.91 -6.78 -12.84
CA ALA A 186 16.51 -7.16 -11.57
C ALA A 186 17.53 -6.15 -11.07
N GLU A 187 18.32 -5.59 -11.98
CA GLU A 187 19.30 -4.58 -11.60
C GLU A 187 18.60 -3.30 -11.13
N ASP A 188 17.47 -2.94 -11.74
CA ASP A 188 16.70 -1.77 -11.24
C ASP A 188 16.29 -1.97 -9.78
N TYR A 189 15.73 -3.15 -9.47
CA TYR A 189 15.33 -3.42 -8.08
C TYR A 189 16.53 -3.49 -7.16
N ALA A 190 17.62 -4.10 -7.62
CA ALA A 190 18.85 -4.16 -6.81
C ALA A 190 19.35 -2.76 -6.46
N GLU A 191 19.32 -1.84 -7.43
CA GLU A 191 19.72 -0.42 -7.19
C GLU A 191 18.82 0.21 -6.11
N GLY A 192 17.51 -0.04 -6.19
CA GLY A 192 16.58 0.45 -5.18
C GLY A 192 16.89 -0.07 -3.79
N VAL A 193 17.24 -1.34 -3.68
CA VAL A 193 17.56 -1.93 -2.39
C VAL A 193 18.80 -1.25 -1.82
N ARG A 194 19.80 -1.07 -2.66
CA ARG A 194 21.07 -0.45 -2.21
C ARG A 194 20.89 0.99 -1.78
N VAL A 195 20.09 1.74 -2.54
CA VAL A 195 19.94 3.20 -2.31
C VAL A 195 18.93 3.52 -1.21
N LEU A 196 17.76 2.89 -1.27
CA LEU A 196 16.70 3.20 -0.27
C LEU A 196 16.51 2.17 0.83
N GLY A 197 17.02 0.95 0.63
CA GLY A 197 16.99 -0.06 1.68
C GLY A 197 17.48 0.43 3.03
N PRO A 198 18.60 1.21 3.04
CA PRO A 198 19.11 1.67 4.35
C PRO A 198 18.26 2.70 5.06
N LEU A 199 17.24 3.20 4.37
CA LEU A 199 16.35 4.24 4.90
C LEU A 199 14.94 3.69 5.20
N ALA A 200 14.75 2.39 5.01
CA ALA A 200 13.39 1.78 5.04
C ALA A 200 13.28 0.73 6.14
N ASP A 201 12.10 0.64 6.76
CA ASP A 201 11.81 -0.47 7.64
C ASP A 201 11.46 -1.71 6.84
N TYR A 202 10.77 -1.50 5.72
CA TYR A 202 10.55 -2.57 4.77
C TYR A 202 10.61 -2.05 3.36
N LEU A 203 11.01 -2.92 2.44
CA LEU A 203 11.02 -2.61 1.02
C LEU A 203 9.95 -3.44 0.34
N VAL A 204 9.39 -2.90 -0.73
CA VAL A 204 8.39 -3.63 -1.52
C VAL A 204 8.91 -3.80 -2.93
N VAL A 205 9.01 -5.05 -3.39
CA VAL A 205 9.32 -5.33 -4.78
C VAL A 205 7.98 -5.35 -5.46
N ASN A 206 7.71 -4.25 -6.16
CA ASN A 206 6.48 -4.07 -6.88
C ASN A 206 6.58 -4.69 -8.25
N VAL A 207 6.08 -5.93 -8.39
CA VAL A 207 6.06 -6.58 -9.68
C VAL A 207 4.60 -6.63 -10.21
N SER A 208 3.75 -5.73 -9.74
CA SER A 208 2.31 -5.86 -10.05
C SER A 208 1.63 -4.60 -10.59
N SER A 209 2.40 -3.57 -10.96
CA SER A 209 1.78 -2.43 -11.65
C SER A 209 1.19 -2.91 -12.98
N PRO A 210 -0.08 -2.54 -13.24
CA PRO A 210 -0.63 -2.85 -14.56
C PRO A 210 -0.17 -1.89 -15.67
N ASN A 211 0.64 -0.89 -15.32
CA ASN A 211 0.94 0.27 -16.18
C ASN A 211 2.37 0.38 -16.72
N THR A 212 3.12 -0.70 -16.56
CA THR A 212 4.46 -0.83 -17.14
C THR A 212 4.49 -2.12 -17.94
N ALA A 213 4.77 -2.00 -19.25
CA ALA A 213 4.81 -3.14 -20.16
C ALA A 213 5.80 -4.22 -19.69
N GLY A 214 5.30 -5.46 -19.61
CA GLY A 214 6.13 -6.59 -19.19
C GLY A 214 6.36 -6.76 -17.68
N LEU A 215 5.94 -5.78 -16.88
CA LEU A 215 6.24 -5.82 -15.43
C LEU A 215 5.62 -7.02 -14.70
N ARG A 216 4.34 -7.29 -14.97
CA ARG A 216 3.62 -8.35 -14.25
C ARG A 216 4.14 -9.75 -14.58
N SER A 217 4.83 -9.89 -15.72
CA SER A 217 5.54 -11.14 -16.08
C SER A 217 6.64 -11.52 -15.08
N LEU A 218 7.15 -10.53 -14.34
CA LEU A 218 8.12 -10.77 -13.26
C LEU A 218 7.51 -11.53 -12.09
N GLN A 219 6.19 -11.71 -12.10
CA GLN A 219 5.50 -12.54 -11.10
C GLN A 219 5.59 -14.04 -11.40
N GLY A 220 5.98 -14.40 -12.63
CA GLY A 220 6.15 -15.80 -13.02
C GLY A 220 7.26 -16.48 -12.23
N LYS A 221 7.15 -17.79 -12.01
CA LYS A 221 8.06 -18.56 -11.12
C LYS A 221 9.58 -18.36 -11.33
N ALA A 222 10.05 -18.65 -12.54
CA ALA A 222 11.48 -18.61 -12.87
C ALA A 222 12.03 -17.17 -12.77
N GLU A 223 11.32 -16.22 -13.37
CA GLU A 223 11.67 -14.80 -13.32
C GLU A 223 11.65 -14.25 -11.89
N LEU A 224 10.63 -14.61 -11.11
CA LEU A 224 10.52 -14.17 -9.74
C LEU A 224 11.63 -14.73 -8.86
N ARG A 225 11.96 -16.03 -9.02
CA ARG A 225 12.99 -16.64 -8.17
C ARG A 225 14.33 -15.96 -8.42
N ARG A 226 14.65 -15.75 -9.69
CA ARG A 226 15.90 -15.09 -10.10
C ARG A 226 15.95 -13.66 -9.55
N LEU A 227 14.85 -12.92 -9.76
CA LEU A 227 14.75 -11.53 -9.29
C LEU A 227 14.86 -11.42 -7.77
N LEU A 228 14.08 -12.24 -7.07
CA LEU A 228 14.06 -12.15 -5.61
C LEU A 228 15.35 -12.64 -4.96
N THR A 229 16.01 -13.63 -5.58
CA THR A 229 17.34 -14.07 -5.09
C THR A 229 18.32 -12.88 -5.09
N LYS A 230 18.34 -12.14 -6.20
CA LYS A 230 19.21 -10.95 -6.34
C LYS A 230 18.83 -9.86 -5.33
N VAL A 231 17.53 -9.59 -5.21
CA VAL A 231 17.06 -8.59 -4.24
C VAL A 231 17.46 -8.95 -2.82
N LEU A 232 17.26 -10.21 -2.44
CA LEU A 232 17.56 -10.64 -1.08
C LEU A 232 19.07 -10.63 -0.81
N GLN A 233 19.86 -10.98 -1.83
CA GLN A 233 21.32 -10.92 -1.67
C GLN A 233 21.77 -9.48 -1.39
N GLU A 234 21.21 -8.53 -2.14
N GLU A 234 21.22 -8.53 -2.15
CA GLU A 234 21.54 -7.11 -1.94
CA GLU A 234 21.53 -7.10 -1.95
C GLU A 234 21.08 -6.57 -0.59
C GLU A 234 21.12 -6.64 -0.55
N ARG A 235 19.90 -7.00 -0.12
CA ARG A 235 19.41 -6.62 1.18
C ARG A 235 20.31 -7.18 2.28
N ASP A 236 20.73 -8.44 2.13
CA ASP A 236 21.51 -9.11 3.16
C ASP A 236 22.91 -8.46 3.28
N GLY A 237 23.35 -7.81 2.21
CA GLY A 237 24.63 -7.09 2.18
C GLY A 237 24.62 -5.75 2.90
N LEU A 238 23.45 -5.30 3.35
CA LEU A 238 23.38 -4.02 4.09
C LEU A 238 23.71 -4.23 5.55
N ARG A 239 24.28 -3.20 6.18
CA ARG A 239 24.57 -3.25 7.62
C ARG A 239 23.30 -3.51 8.45
N ARG A 240 23.46 -4.24 9.56
CA ARG A 240 22.32 -4.75 10.35
C ARG A 240 21.24 -3.71 10.65
N VAL A 241 21.67 -2.53 11.11
CA VAL A 241 20.77 -1.43 11.48
C VAL A 241 20.01 -0.85 10.27
N HIS A 242 20.48 -1.18 9.08
CA HIS A 242 19.98 -0.64 7.82
C HIS A 242 19.44 -1.73 6.93
N ARG A 243 19.09 -2.86 7.54
CA ARG A 243 18.63 -4.03 6.80
C ARG A 243 17.11 -4.16 6.89
N PRO A 244 16.40 -3.81 5.80
CA PRO A 244 14.92 -3.83 5.87
C PRO A 244 14.34 -5.22 5.59
N ALA A 245 13.09 -5.42 6.02
CA ALA A 245 12.29 -6.55 5.55
C ALA A 245 12.03 -6.38 4.04
N VAL A 246 11.89 -7.49 3.32
CA VAL A 246 11.55 -7.42 1.88
C VAL A 246 10.20 -8.11 1.64
N LEU A 247 9.27 -7.37 1.04
CA LEU A 247 7.95 -7.90 0.70
C LEU A 247 7.78 -7.83 -0.81
N VAL A 248 6.91 -8.70 -1.34
CA VAL A 248 6.56 -8.68 -2.76
C VAL A 248 5.10 -8.27 -2.84
N LYS A 249 4.81 -7.28 -3.69
CA LYS A 249 3.45 -6.83 -3.92
C LYS A 249 2.90 -7.45 -5.19
N ILE A 250 1.75 -8.12 -5.04
CA ILE A 250 1.20 -8.92 -6.12
C ILE A 250 -0.14 -8.38 -6.63
N ALA A 251 -0.44 -8.76 -7.86
CA ALA A 251 -1.67 -8.40 -8.54
C ALA A 251 -2.87 -9.18 -8.02
N PRO A 252 -4.09 -8.61 -8.20
CA PRO A 252 -5.33 -9.35 -7.92
C PRO A 252 -5.78 -10.23 -9.09
N ASP A 253 -5.02 -10.22 -10.18
CA ASP A 253 -5.43 -10.84 -11.46
C ASP A 253 -4.66 -12.10 -11.80
N LEU A 254 -4.06 -12.69 -10.78
CA LEU A 254 -3.20 -13.86 -10.98
C LEU A 254 -4.03 -15.11 -11.16
N THR A 255 -3.50 -16.04 -11.95
CA THR A 255 -4.12 -17.37 -12.05
C THR A 255 -3.81 -18.15 -10.77
N SER A 256 -4.55 -19.23 -10.54
CA SER A 256 -4.26 -20.15 -9.44
C SER A 256 -2.81 -20.64 -9.52
N GLN A 257 -2.35 -20.96 -10.74
CA GLN A 257 -0.96 -21.39 -10.97
C GLN A 257 0.06 -20.35 -10.50
N ASP A 258 -0.19 -19.10 -10.88
CA ASP A 258 0.67 -17.97 -10.52
C ASP A 258 0.80 -17.86 -9.00
N LYS A 259 -0.34 -17.95 -8.31
CA LYS A 259 -0.37 -17.81 -6.86
C LYS A 259 0.37 -18.95 -6.16
N GLU A 260 0.17 -20.18 -6.65
CA GLU A 260 0.89 -21.35 -6.13
C GLU A 260 2.40 -21.16 -6.28
N ASP A 261 2.81 -20.66 -7.45
CA ASP A 261 4.23 -20.42 -7.77
C ASP A 261 4.83 -19.35 -6.87
N ILE A 262 4.10 -18.24 -6.69
CA ILE A 262 4.56 -17.17 -5.80
C ILE A 262 4.74 -17.68 -4.37
N ALA A 263 3.74 -18.43 -3.87
CA ALA A 263 3.83 -18.98 -2.52
C ALA A 263 5.05 -19.89 -2.35
N SER A 264 5.30 -20.73 -3.35
CA SER A 264 6.44 -21.65 -3.37
C SER A 264 7.77 -20.88 -3.30
N VAL A 265 7.91 -19.86 -4.14
CA VAL A 265 9.14 -19.03 -4.18
C VAL A 265 9.33 -18.26 -2.87
N VAL A 266 8.25 -17.69 -2.33
CA VAL A 266 8.31 -16.94 -1.09
C VAL A 266 8.85 -17.82 0.04
N LYS A 267 8.38 -19.06 0.09
CA LYS A 267 8.81 -20.00 1.13
C LYS A 267 10.23 -20.50 0.91
N GLU A 268 10.58 -20.78 -0.33
CA GLU A 268 11.92 -21.24 -0.72
C GLU A 268 13.00 -20.20 -0.34
N LEU A 269 12.70 -18.93 -0.61
CA LEU A 269 13.69 -17.86 -0.44
C LEU A 269 13.68 -17.15 0.90
N GLY A 270 12.61 -17.35 1.68
CA GLY A 270 12.43 -16.66 2.95
C GLY A 270 12.09 -15.19 2.81
N ILE A 271 11.32 -14.86 1.76
CA ILE A 271 10.72 -13.51 1.60
C ILE A 271 9.94 -13.17 2.87
N ASP A 272 10.08 -11.95 3.35
CA ASP A 272 9.53 -11.58 4.65
C ASP A 272 8.02 -11.37 4.67
N GLY A 273 7.44 -11.04 3.53
CA GLY A 273 5.99 -10.81 3.52
C GLY A 273 5.45 -10.53 2.15
N LEU A 274 4.13 -10.41 2.08
CA LEU A 274 3.43 -10.11 0.83
C LEU A 274 2.52 -8.90 1.02
N ILE A 275 2.38 -8.10 -0.04
CA ILE A 275 1.37 -7.05 -0.08
C ILE A 275 0.35 -7.49 -1.12
N VAL A 276 -0.91 -7.53 -0.69
CA VAL A 276 -1.96 -8.21 -1.46
C VAL A 276 -3.18 -7.28 -1.33
N THR A 277 -3.55 -6.51 -2.36
CA THR A 277 -3.07 -6.56 -3.76
C THR A 277 -2.88 -5.15 -4.31
N ASN A 278 -2.27 -5.12 -5.50
CA ASN A 278 -2.27 -3.93 -6.35
C ASN A 278 -3.66 -3.75 -7.00
N THR A 279 -3.76 -2.78 -7.90
CA THR A 279 -5.00 -2.54 -8.65
C THR A 279 -5.28 -3.65 -9.67
N THR A 280 -6.54 -3.73 -10.10
CA THR A 280 -6.98 -4.76 -11.05
C THR A 280 -7.12 -4.22 -12.48
N VAL A 281 -6.69 -5.02 -13.44
CA VAL A 281 -6.97 -4.75 -14.86
C VAL A 281 -8.31 -5.35 -15.29
N SER A 282 -8.96 -6.05 -14.37
CA SER A 282 -10.33 -6.50 -14.65
C SER A 282 -11.31 -5.33 -14.57
N ARG A 283 -12.49 -5.51 -15.16
CA ARG A 283 -13.55 -4.52 -15.02
C ARG A 283 -14.79 -5.30 -14.63
N PRO A 284 -14.99 -5.47 -13.30
CA PRO A 284 -16.09 -6.26 -12.80
C PRO A 284 -17.40 -5.82 -13.40
N ALA A 285 -18.28 -6.79 -13.67
CA ALA A 285 -19.60 -6.44 -14.11
C ALA A 285 -20.22 -5.50 -13.08
N GLY A 286 -20.98 -4.53 -13.56
CA GLY A 286 -21.71 -3.62 -12.69
C GLY A 286 -21.12 -2.23 -12.53
N LEU A 287 -19.89 -2.00 -12.98
CA LEU A 287 -19.33 -0.63 -12.92
C LEU A 287 -20.22 0.33 -13.67
N GLN A 288 -20.47 1.48 -13.04
CA GLN A 288 -21.37 2.52 -13.55
C GLN A 288 -20.68 3.75 -14.07
N GLY A 289 -19.47 4.00 -13.57
CA GLY A 289 -18.74 5.23 -13.94
C GLY A 289 -18.64 5.36 -15.45
N ALA A 290 -18.81 6.59 -15.95
CA ALA A 290 -18.64 6.86 -17.38
C ALA A 290 -17.27 6.44 -17.88
N LEU A 291 -16.26 6.50 -17.00
CA LEU A 291 -14.86 6.28 -17.37
C LEU A 291 -14.38 4.84 -17.12
N ARG A 292 -15.32 3.91 -16.95
CA ARG A 292 -15.01 2.51 -16.62
C ARG A 292 -14.12 1.78 -17.62
N SER A 293 -14.14 2.23 -18.88
CA SER A 293 -13.37 1.56 -19.90
C SER A 293 -12.05 2.27 -20.23
N GLU A 294 -11.67 3.24 -19.42
CA GLU A 294 -10.29 3.77 -19.47
C GLU A 294 -9.27 2.67 -19.15
N THR A 295 -8.14 2.67 -19.86
CA THR A 295 -7.00 1.78 -19.55
C THR A 295 -6.39 2.15 -18.18
N GLY A 296 -6.09 1.12 -17.39
CA GLY A 296 -5.34 1.32 -16.16
C GLY A 296 -5.76 0.36 -15.06
N GLY A 297 -5.22 0.57 -13.88
CA GLY A 297 -5.59 -0.23 -12.70
C GLY A 297 -6.78 0.36 -11.97
N LEU A 298 -7.73 -0.50 -11.65
CA LEU A 298 -8.94 -0.11 -10.93
C LEU A 298 -8.74 -0.36 -9.43
N SER A 299 -9.10 0.63 -8.63
CA SER A 299 -8.96 0.58 -7.16
C SER A 299 -10.29 0.93 -6.50
N GLY A 300 -10.36 0.83 -5.17
CA GLY A 300 -11.58 1.18 -4.45
C GLY A 300 -12.56 0.03 -4.30
N LYS A 301 -13.83 0.38 -4.10
CA LYS A 301 -14.84 -0.61 -3.70
C LYS A 301 -14.92 -1.85 -4.62
N PRO A 302 -14.86 -1.67 -5.97
CA PRO A 302 -15.00 -2.86 -6.84
C PRO A 302 -13.86 -3.85 -6.74
N LEU A 303 -12.72 -3.40 -6.21
CA LEU A 303 -11.57 -4.26 -5.97
C LEU A 303 -11.64 -5.01 -4.63
N ARG A 304 -12.44 -4.50 -3.69
CA ARG A 304 -12.35 -4.93 -2.28
C ARG A 304 -12.33 -6.45 -2.09
N ASP A 305 -13.37 -7.11 -2.60
CA ASP A 305 -13.51 -8.54 -2.31
C ASP A 305 -12.60 -9.43 -3.11
N LEU A 306 -12.25 -8.99 -4.33
CA LEU A 306 -11.21 -9.66 -5.08
C LEU A 306 -9.89 -9.67 -4.31
N SER A 307 -9.55 -8.53 -3.68
N SER A 307 -9.56 -8.52 -3.69
CA SER A 307 -8.34 -8.43 -2.85
CA SER A 307 -8.36 -8.42 -2.87
C SER A 307 -8.43 -9.31 -1.61
C SER A 307 -8.44 -9.32 -1.63
N THR A 308 -9.57 -9.26 -0.92
CA THR A 308 -9.79 -10.09 0.29
C THR A 308 -9.61 -11.58 -0.05
N GLN A 309 -10.19 -12.00 -1.17
CA GLN A 309 -10.07 -13.41 -1.56
C GLN A 309 -8.63 -13.79 -1.91
N THR A 310 -7.86 -12.83 -2.46
CA THR A 310 -6.46 -13.09 -2.77
C THR A 310 -5.63 -13.21 -1.49
N ILE A 311 -5.93 -12.38 -0.49
CA ILE A 311 -5.32 -12.51 0.86
C ILE A 311 -5.60 -13.88 1.43
N ARG A 312 -6.86 -14.29 1.34
CA ARG A 312 -7.28 -15.56 1.88
C ARG A 312 -6.49 -16.71 1.26
N GLU A 313 -6.38 -16.70 -0.07
N GLU A 313 -6.38 -16.71 -0.07
CA GLU A 313 -5.65 -17.72 -0.81
CA GLU A 313 -5.64 -17.77 -0.76
C GLU A 313 -4.17 -17.75 -0.42
C GLU A 313 -4.14 -17.76 -0.47
N MET A 314 -3.52 -16.57 -0.41
CA MET A 314 -2.09 -16.50 -0.14
C MET A 314 -1.77 -16.90 1.29
N TYR A 315 -2.63 -16.56 2.23
CA TYR A 315 -2.47 -16.99 3.64
C TYR A 315 -2.47 -18.52 3.72
N ALA A 316 -3.46 -19.15 3.09
CA ALA A 316 -3.52 -20.62 3.09
C ALA A 316 -2.31 -21.26 2.42
N LEU A 317 -1.90 -20.73 1.26
CA LEU A 317 -0.78 -21.28 0.50
C LEU A 317 0.55 -21.16 1.24
N THR A 318 0.65 -20.17 2.13
CA THR A 318 1.87 -19.96 2.92
C THR A 318 1.73 -20.45 4.37
N GLN A 319 0.66 -21.21 4.62
CA GLN A 319 0.39 -21.81 5.95
C GLN A 319 0.34 -20.79 7.09
N GLY A 320 -0.03 -19.56 6.77
CA GLY A 320 -0.15 -18.51 7.78
C GLY A 320 1.18 -18.05 8.37
N ARG A 321 2.28 -18.45 7.72
CA ARG A 321 3.64 -18.21 8.25
C ARG A 321 4.32 -16.99 7.62
N VAL A 322 3.63 -16.35 6.68
CA VAL A 322 4.18 -15.22 5.92
C VAL A 322 3.26 -14.02 6.14
N PRO A 323 3.75 -12.97 6.80
CA PRO A 323 2.94 -11.78 7.03
C PRO A 323 2.40 -11.20 5.73
N ILE A 324 1.13 -10.82 5.75
CA ILE A 324 0.45 -10.20 4.61
C ILE A 324 -0.02 -8.80 4.99
N ILE A 325 0.26 -7.85 4.12
CA ILE A 325 -0.34 -6.51 4.24
C ILE A 325 -1.49 -6.52 3.22
N GLY A 326 -2.71 -6.40 3.73
CA GLY A 326 -3.90 -6.47 2.87
C GLY A 326 -4.36 -5.11 2.40
N VAL A 327 -4.62 -4.99 1.10
CA VAL A 327 -4.94 -3.68 0.52
C VAL A 327 -5.86 -3.86 -0.67
N GLY A 328 -6.84 -2.97 -0.79
CA GLY A 328 -7.78 -2.97 -1.91
C GLY A 328 -9.17 -2.76 -1.38
N GLY A 329 -9.69 -1.54 -1.56
CA GLY A 329 -11.09 -1.25 -1.24
C GLY A 329 -11.40 -1.16 0.25
N VAL A 330 -10.41 -0.85 1.09
CA VAL A 330 -10.69 -0.70 2.53
C VAL A 330 -11.21 0.71 2.78
N SER A 331 -12.44 0.82 3.28
N SER A 331 -12.45 0.83 3.27
CA SER A 331 -12.99 2.14 3.63
CA SER A 331 -13.01 2.14 3.61
C SER A 331 -13.61 2.22 5.02
C SER A 331 -13.82 2.15 4.90
N SER A 332 -13.73 1.07 5.67
CA SER A 332 -14.40 0.96 6.97
C SER A 332 -13.68 -0.04 7.86
N GLY A 333 -14.05 -0.03 9.14
CA GLY A 333 -13.57 -1.03 10.08
C GLY A 333 -13.93 -2.43 9.62
N GLN A 334 -15.15 -2.61 9.09
CA GLN A 334 -15.54 -3.95 8.60
C GLN A 334 -14.62 -4.41 7.48
N ASP A 335 -14.33 -3.52 6.52
CA ASP A 335 -13.44 -3.86 5.41
C ASP A 335 -12.07 -4.30 5.96
N ALA A 336 -11.54 -3.52 6.90
CA ALA A 336 -10.26 -3.85 7.51
C ALA A 336 -10.29 -5.21 8.21
N LEU A 337 -11.32 -5.43 9.05
CA LEU A 337 -11.41 -6.68 9.80
C LEU A 337 -11.61 -7.89 8.89
N GLU A 338 -12.35 -7.72 7.80
CA GLU A 338 -12.47 -8.82 6.83
C GLU A 338 -11.12 -9.25 6.27
N LYS A 339 -10.26 -8.28 5.97
CA LYS A 339 -8.93 -8.63 5.45
C LYS A 339 -8.06 -9.24 6.53
N ILE A 340 -8.16 -8.71 7.74
CA ILE A 340 -7.41 -9.27 8.88
C ILE A 340 -7.85 -10.74 9.15
N ARG A 341 -9.16 -10.97 9.23
CA ARG A 341 -9.66 -12.34 9.44
C ARG A 341 -9.29 -13.28 8.29
N ALA A 342 -9.16 -12.73 7.08
CA ALA A 342 -8.71 -13.52 5.92
C ALA A 342 -7.21 -13.86 5.95
N GLY A 343 -6.46 -13.14 6.77
CA GLY A 343 -5.04 -13.42 6.91
C GLY A 343 -4.09 -12.24 6.93
N ALA A 344 -4.61 -11.03 6.79
CA ALA A 344 -3.73 -9.84 6.81
C ALA A 344 -3.30 -9.48 8.23
N SER A 345 -2.00 -9.21 8.43
CA SER A 345 -1.52 -8.70 9.70
C SER A 345 -1.66 -7.20 9.80
N LEU A 346 -1.66 -6.55 8.65
CA LEU A 346 -1.80 -5.11 8.54
C LEU A 346 -2.65 -4.84 7.31
N VAL A 347 -3.25 -3.67 7.26
CA VAL A 347 -3.99 -3.22 6.05
C VAL A 347 -3.52 -1.85 5.58
N GLN A 348 -3.77 -1.55 4.31
CA GLN A 348 -3.56 -0.22 3.77
C GLN A 348 -4.80 0.25 3.05
N LEU A 349 -4.90 1.56 2.90
CA LEU A 349 -5.94 2.16 2.07
C LEU A 349 -5.35 3.32 1.29
N TYR A 350 -5.99 3.61 0.17
CA TYR A 350 -5.67 4.80 -0.59
C TYR A 350 -6.95 5.42 -1.16
N THR A 351 -7.65 4.67 -2.01
CA THR A 351 -8.80 5.25 -2.73
C THR A 351 -9.85 5.84 -1.78
N ALA A 352 -10.09 5.20 -0.64
CA ALA A 352 -11.05 5.72 0.34
C ALA A 352 -10.69 7.13 0.83
N LEU A 353 -9.38 7.36 1.02
CA LEU A 353 -8.88 8.70 1.39
C LEU A 353 -9.24 9.75 0.35
N THR A 354 -9.20 9.36 -0.93
CA THR A 354 -9.47 10.28 -2.01
C THR A 354 -10.95 10.69 -2.06
N PHE A 355 -11.85 9.83 -1.58
CA PHE A 355 -13.27 10.14 -1.57
C PHE A 355 -13.74 10.79 -0.28
N TRP A 356 -13.24 10.30 0.86
CA TRP A 356 -13.77 10.68 2.17
C TRP A 356 -12.89 11.65 2.92
N GLY A 357 -11.64 11.77 2.50
CA GLY A 357 -10.73 12.71 3.14
C GLY A 357 -10.09 12.14 4.38
N PRO A 358 -9.21 12.94 5.05
CA PRO A 358 -8.46 12.49 6.21
C PRO A 358 -9.26 11.85 7.37
N PRO A 359 -10.52 12.29 7.64
CA PRO A 359 -11.25 11.64 8.74
C PRO A 359 -11.50 10.14 8.55
N VAL A 360 -11.37 9.64 7.33
CA VAL A 360 -11.57 8.20 7.09
C VAL A 360 -10.59 7.32 7.89
N VAL A 361 -9.40 7.84 8.21
CA VAL A 361 -8.40 7.03 8.93
C VAL A 361 -8.88 6.75 10.36
N GLY A 362 -9.30 7.80 11.07
CA GLY A 362 -9.87 7.65 12.41
C GLY A 362 -11.12 6.80 12.40
N LYS A 363 -11.93 6.97 11.35
CA LYS A 363 -13.17 6.18 11.21
C LYS A 363 -12.87 4.68 11.16
N VAL A 364 -11.94 4.29 10.28
CA VAL A 364 -11.57 2.88 10.13
C VAL A 364 -11.05 2.32 11.45
N LYS A 365 -10.18 3.07 12.11
CA LYS A 365 -9.60 2.61 13.38
C LYS A 365 -10.66 2.45 14.46
N ARG A 366 -11.55 3.45 14.59
CA ARG A 366 -12.60 3.38 15.63
C ARG A 366 -13.54 2.21 15.37
N GLU A 367 -13.94 2.05 14.12
CA GLU A 367 -14.84 0.95 13.74
C GLU A 367 -14.17 -0.39 13.94
N LEU A 368 -12.88 -0.47 13.62
CA LEU A 368 -12.14 -1.73 13.75
C LEU A 368 -12.06 -2.15 15.22
N GLU A 369 -11.71 -1.19 16.09
CA GLU A 369 -11.66 -1.46 17.53
C GLU A 369 -13.02 -1.98 18.03
N ALA A 370 -14.10 -1.32 17.64
CA ALA A 370 -15.46 -1.69 18.08
C ALA A 370 -15.83 -3.10 17.64
N LEU A 371 -15.51 -3.43 16.38
CA LEU A 371 -15.79 -4.76 15.85
C LEU A 371 -14.96 -5.86 16.49
N LEU A 372 -13.70 -5.57 16.81
CA LEU A 372 -12.86 -6.55 17.51
C LEU A 372 -13.48 -6.92 18.84
N LYS A 373 -13.95 -5.92 19.57
CA LYS A 373 -14.62 -6.12 20.87
C LYS A 373 -15.90 -6.94 20.71
N GLU A 374 -16.69 -6.58 19.70
CA GLU A 374 -17.96 -7.25 19.42
C GLU A 374 -17.80 -8.72 19.02
N GLN A 375 -16.67 -9.06 18.41
CA GLN A 375 -16.43 -10.42 17.94
C GLN A 375 -15.55 -11.22 18.91
N GLY A 376 -15.26 -10.63 20.06
CA GLY A 376 -14.57 -11.29 21.17
C GLY A 376 -13.07 -11.49 20.97
N PHE A 377 -12.46 -10.64 20.15
CA PHE A 377 -11.02 -10.63 19.99
C PHE A 377 -10.37 -9.71 21.00
N GLY A 378 -9.31 -10.19 21.64
CA GLY A 378 -8.53 -9.39 22.59
C GLY A 378 -7.81 -8.23 21.90
N GLY A 379 -7.48 -8.42 20.63
CA GLY A 379 -6.86 -7.38 19.83
C GLY A 379 -6.70 -7.81 18.40
N VAL A 380 -6.11 -6.95 17.57
CA VAL A 380 -5.87 -7.26 16.15
C VAL A 380 -5.16 -8.58 15.98
N THR A 381 -4.10 -8.82 16.77
CA THR A 381 -3.28 -10.01 16.63
C THR A 381 -4.10 -11.32 16.71
N ASP A 382 -5.08 -11.34 17.61
CA ASP A 382 -5.93 -12.50 17.80
C ASP A 382 -6.83 -12.77 16.61
N ALA A 383 -7.14 -11.72 15.85
CA ALA A 383 -8.03 -11.84 14.69
C ALA A 383 -7.32 -12.24 13.39
N ILE A 384 -5.99 -12.09 13.32
CA ILE A 384 -5.26 -12.44 12.09
C ILE A 384 -5.47 -13.90 11.69
N GLY A 385 -6.07 -14.09 10.52
CA GLY A 385 -6.33 -15.41 9.97
C GLY A 385 -7.47 -16.15 10.66
N ALA A 386 -8.26 -15.47 11.49
CA ALA A 386 -9.35 -16.14 12.28
C ALA A 386 -10.32 -16.93 11.42
N ASP A 387 -10.59 -16.49 10.19
CA ASP A 387 -11.53 -17.24 9.34
C ASP A 387 -11.03 -18.64 9.01
N HIS A 388 -9.71 -18.81 8.97
CA HIS A 388 -9.12 -20.09 8.59
C HIS A 388 -9.24 -21.12 9.72
N ARG A 389 -9.55 -20.63 10.92
CA ARG A 389 -9.63 -21.48 12.13
C ARG A 389 -11.08 -21.77 12.55
N ARG A 390 -12.05 -21.24 11.81
CA ARG A 390 -13.49 -21.44 12.05
C ARG A 390 -13.93 -22.88 11.80
N1 FMN B . 0.82 0.75 -5.96
C2 FMN B . 2.17 0.63 -6.03
O2 FMN B . 2.68 -0.41 -5.58
N3 FMN B . 2.95 1.62 -6.55
C4 FMN B . 2.45 2.77 -7.02
O4 FMN B . 3.20 3.69 -7.47
C4A FMN B . 0.99 2.98 -7.01
N5 FMN B . 0.40 4.11 -7.48
C5A FMN B . -0.95 4.28 -7.41
C6 FMN B . -1.53 5.47 -7.86
C7 FMN B . -2.92 5.60 -7.77
C7M FMN B . -3.58 6.89 -8.25
C8 FMN B . -3.74 4.53 -7.17
C8M FMN B . -5.23 4.67 -7.05
C9 FMN B . -3.16 3.36 -6.72
C9A FMN B . -1.77 3.20 -6.81
N10 FMN B . -1.17 2.01 -6.34
C10 FMN B . 0.20 1.86 -6.41
C1' FMN B . -1.98 0.93 -5.79
C2' FMN B . -2.29 1.11 -4.31
O2' FMN B . -1.09 1.02 -3.55
C3' FMN B . -3.22 -0.01 -3.83
O3' FMN B . -2.56 -1.27 -4.00
C4' FMN B . -4.54 -0.05 -4.63
O4' FMN B . -5.00 1.24 -5.04
C5' FMN B . -5.65 -0.76 -3.82
O5' FMN B . -5.98 -0.02 -2.63
P FMN B . -7.20 1.02 -2.56
O1P FMN B . -6.77 2.26 -3.34
O2P FMN B . -7.32 1.30 -1.09
O3P FMN B . -8.41 0.32 -3.14
N1 ORO C . -0.48 2.34 -10.67
C2 ORO C . -0.97 1.30 -9.96
O2 ORO C . -2.20 1.17 -9.87
N3 ORO C . -0.14 0.42 -9.35
C4 ORO C . 1.19 0.55 -9.43
O4 ORO C . 1.91 -0.29 -8.87
C5 ORO C . 1.74 1.61 -10.17
C6 ORO C . 0.86 2.49 -10.76
C7 ORO C . 1.35 3.57 -11.66
O71 ORO C . 0.71 3.66 -12.75
O72 ORO C . 2.36 4.25 -11.40
C ACT D . -14.98 -12.96 0.57
O ACT D . -15.93 -13.71 0.84
OXT ACT D . -13.86 -13.02 1.14
CH3 ACT D . -15.22 -11.97 -0.51
C ACT E . 2.01 13.02 -8.09
O ACT E . 2.13 13.87 -7.17
OXT ACT E . 2.61 11.92 -8.05
CH3 ACT E . 1.14 13.34 -9.27
C ACT F . -1.31 -20.63 -15.93
O ACT F . -2.42 -21.20 -15.97
OXT ACT F . -1.14 -19.56 -15.30
CH3 ACT F . -0.14 -21.24 -16.65
C ACT G . 14.01 3.30 10.32
O ACT G . 13.94 3.24 9.06
OXT ACT G . 13.71 4.32 10.93
CH3 ACT G . 14.48 2.13 11.15
S SO4 H . 25.42 2.17 11.20
O1 SO4 H . 24.46 3.26 10.92
O2 SO4 H . 25.32 1.10 10.19
O3 SO4 H . 25.13 1.60 12.51
O4 SO4 H . 26.79 2.74 11.21
S SO4 I . 25.17 -8.98 11.16
O1 SO4 I . 23.72 -9.29 11.17
O2 SO4 I . 25.59 -8.62 9.79
O3 SO4 I . 25.92 -10.19 11.58
O4 SO4 I . 25.46 -7.87 12.08
S SO4 J . 1.86 -6.26 -20.11
O1 SO4 J . 0.77 -7.05 -20.74
O2 SO4 J . 1.27 -5.10 -19.42
O3 SO4 J . 2.57 -7.12 -19.12
O4 SO4 J . 2.81 -5.80 -21.15
CAA 9BO K . -7.33 13.25 2.12
CAR 9BO K . -6.81 13.79 0.83
OAG 9BO K . -6.69 13.03 -0.13
OAQ 9BO K . -6.33 15.06 0.78
CBA 9BO K . -6.77 16.11 1.67
CAE 9BO K . -5.47 16.63 2.28
CAT 9BO K . -7.52 17.22 0.92
CAC 9BO K . -8.42 18.17 1.76
CAL 9BO K . -7.41 17.32 -0.49
CAN 9BO K . -8.02 18.22 -1.38
CAO 9BO K . -7.93 17.80 -2.87
CAS 9BO K . -8.82 16.58 -3.16
CAB 9BO K . -10.35 16.78 -3.27
CAM 9BO K . -8.24 15.33 -3.34
CAP 9BO K . -8.91 14.10 -3.55
CAZ 9BO K . -8.20 13.18 -4.56
CAW 9BO K . -6.94 12.64 -4.28
OAI 9BO K . -6.39 12.96 -3.08
CAY 9BO K . -6.27 11.80 -5.18
CAK 9BO K . -4.91 11.23 -4.78
OAF 9BO K . -4.48 11.45 -3.65
CAU 9BO K . -6.86 11.46 -6.40
CAD 9BO K . -6.16 10.53 -7.42
CAX 9BO K . -8.11 11.99 -6.69
CLA 9BO K . -8.86 11.58 -8.19
CAV 9BO K . -8.76 12.85 -5.81
OAH 9BO K . -9.99 13.33 -6.14
#